data_4GA3
#
_entry.id   4GA3
#
_cell.length_a   112.290
_cell.length_b   112.290
_cell.length_c   68.553
_cell.angle_alpha   90.000
_cell.angle_beta   90.000
_cell.angle_gamma   90.000
#
_symmetry.space_group_name_H-M   'P 41 21 2'
#
loop_
_entity.id
_entity.type
_entity.pdbx_description
1 polymer 'Farnesyl pyrophosphate synthase'
2 non-polymer 1-butyl-3-(2-hydroxy-2,2-diphosphonoethyl)-1H-imidazol-3-ium
3 non-polymer 'MAGNESIUM ION'
4 non-polymer 'PHOSPHATE ION'
5 water water
#
_entity_poly.entity_id   1
_entity_poly.type   'polypeptide(L)'
_entity_poly.pdbx_seq_one_letter_code
;NSDVYAQEKQDFVQHFSQIVRVLTEDEMGHPEIGDAIARLKEVLEYNAIGGKYNRGLTVVVAFRELVEPRKQDADSLQRA
WTVGWCVELLQAFFLVADDIMDSSLTRRGQICWYQKPGVGLDAINDANLLEACIYRLLKLYCREQPYYLNLIELFLQSSY
QTEIGQTLDLLTAPQGNVDLVRFTEKRYKSIVKYKTAFYSFYLPIAAAMYMAGIDGEKEHANAKKILLEMGEFFQIQDDY
LDLFGDPSVTGKIGTDIQDNKCSWLVVQCLQRATPEQYQILKENYGQKEAEKVARVKALYEELDLPAVFLQYEEDSYSHI
MALIEQYAAPLPPAVFLGLARKIYKRRK
;
_entity_poly.pdbx_strand_id   A
#
# COMPACT_ATOMS: atom_id res chain seq x y z
N ASP A 3 15.72 4.33 -12.41
CA ASP A 3 16.98 3.54 -12.48
C ASP A 3 17.40 2.93 -11.16
N VAL A 4 17.35 3.68 -10.05
CA VAL A 4 17.81 3.16 -8.73
C VAL A 4 16.94 1.96 -8.23
N TYR A 5 15.63 2.07 -8.42
CA TYR A 5 14.74 0.97 -8.10
C TYR A 5 15.02 -0.25 -8.97
N ALA A 6 15.07 -0.04 -10.30
CA ALA A 6 15.35 -1.10 -11.28
C ALA A 6 16.67 -1.85 -11.06
N GLN A 7 17.69 -1.16 -10.56
CA GLN A 7 18.97 -1.85 -10.32
C GLN A 7 19.02 -2.75 -9.08
N GLU A 8 18.25 -2.43 -8.04
CA GLU A 8 18.27 -3.25 -6.81
C GLU A 8 17.24 -4.37 -6.85
N LYS A 9 16.26 -4.26 -7.75
CA LYS A 9 15.16 -5.20 -7.87
C LYS A 9 15.63 -6.64 -7.79
N GLN A 10 16.35 -7.08 -8.83
CA GLN A 10 16.87 -8.46 -8.96
C GLN A 10 17.37 -9.12 -7.67
N ASP A 11 18.27 -8.44 -6.98
CA ASP A 11 18.84 -8.92 -5.72
C ASP A 11 17.80 -9.07 -4.62
N PHE A 12 16.83 -8.16 -4.66
CA PHE A 12 15.78 -8.09 -3.67
C PHE A 12 14.85 -9.28 -3.90
N VAL A 13 14.46 -9.51 -5.15
CA VAL A 13 13.56 -10.60 -5.48
C VAL A 13 14.21 -11.95 -5.26
N GLN A 14 15.46 -12.09 -5.68
CA GLN A 14 16.13 -13.38 -5.57
C GLN A 14 16.14 -13.78 -4.12
N HIS A 15 16.16 -12.81 -3.24
CA HIS A 15 16.36 -13.12 -1.84
C HIS A 15 15.12 -13.44 -1.07
N PHE A 16 14.03 -13.58 -1.80
CA PHE A 16 12.80 -14.13 -1.30
C PHE A 16 12.84 -15.64 -1.02
N SER A 17 13.56 -16.43 -1.83
CA SER A 17 13.78 -17.87 -1.51
C SER A 17 14.31 -18.10 -0.11
N GLN A 18 15.15 -17.17 0.33
CA GLN A 18 15.80 -17.24 1.62
C GLN A 18 14.82 -16.94 2.77
N ILE A 19 14.00 -15.89 2.56
CA ILE A 19 12.86 -15.57 3.45
C ILE A 19 12.02 -16.84 3.62
N VAL A 20 11.65 -17.46 2.49
CA VAL A 20 10.82 -18.66 2.50
C VAL A 20 11.53 -19.79 3.25
N ARG A 21 12.82 -20.05 2.94
CA ARG A 21 13.58 -21.06 3.70
C ARG A 21 13.70 -20.77 5.17
N VAL A 22 14.19 -19.58 5.55
CA VAL A 22 14.29 -19.26 6.99
C VAL A 22 12.92 -19.41 7.75
N LEU A 23 11.82 -19.15 7.06
CA LEU A 23 10.49 -19.28 7.71
C LEU A 23 9.98 -20.70 7.73
N THR A 24 10.46 -21.54 6.81
CA THR A 24 10.05 -22.94 6.81
C THR A 24 11.03 -23.82 7.59
N GLU A 25 12.31 -23.52 7.49
CA GLU A 25 13.36 -24.39 8.06
C GLU A 25 13.41 -24.33 9.57
N ASP A 26 13.46 -23.12 10.12
CA ASP A 26 13.67 -22.96 11.57
C ASP A 26 12.47 -23.44 12.43
N GLU A 27 11.51 -24.13 11.80
CA GLU A 27 10.40 -24.78 12.52
C GLU A 27 10.17 -26.23 12.04
N MET A 28 11.25 -26.91 11.64
CA MET A 28 11.16 -28.35 11.33
C MET A 28 11.83 -29.21 12.41
N GLY A 29 12.37 -28.54 13.43
CA GLY A 29 12.56 -29.15 14.75
C GLY A 29 11.20 -29.34 15.45
N HIS A 30 10.13 -29.09 14.71
CA HIS A 30 8.76 -29.31 15.15
C HIS A 30 7.94 -29.91 14.03
N PRO A 31 8.22 -31.19 13.63
CA PRO A 31 7.57 -31.89 12.48
C PRO A 31 6.03 -32.04 12.49
N GLU A 32 5.44 -32.10 13.70
CA GLU A 32 3.98 -32.09 13.85
C GLU A 32 3.26 -30.84 13.13
N ILE A 33 3.95 -29.71 12.99
CA ILE A 33 3.36 -28.53 12.29
C ILE A 33 3.68 -28.50 10.80
N GLY A 34 4.18 -29.66 10.29
CA GLY A 34 4.74 -29.68 8.93
C GLY A 34 3.75 -29.19 7.90
N ASP A 35 2.50 -29.67 8.00
CA ASP A 35 1.45 -29.37 7.03
C ASP A 35 1.08 -27.89 7.05
N ALA A 36 1.15 -27.27 8.25
CA ALA A 36 0.91 -25.82 8.44
C ALA A 36 2.03 -25.03 7.79
N ILE A 37 3.27 -25.51 7.94
CA ILE A 37 4.41 -24.83 7.34
C ILE A 37 4.24 -24.79 5.82
N ALA A 38 3.87 -25.94 5.22
CA ALA A 38 3.60 -26.01 3.78
C ALA A 38 2.43 -25.08 3.36
N ARG A 39 1.42 -24.92 4.21
CA ARG A 39 0.31 -24.02 3.87
C ARG A 39 0.85 -22.58 3.84
N LEU A 40 1.69 -22.25 4.83
CA LEU A 40 2.43 -20.96 4.91
C LEU A 40 3.20 -20.60 3.62
N LYS A 41 4.02 -21.54 3.14
CA LYS A 41 4.75 -21.38 1.89
C LYS A 41 3.80 -21.15 0.76
N GLU A 42 2.72 -21.90 0.72
CA GLU A 42 1.82 -21.65 -0.37
C GLU A 42 1.18 -20.22 -0.24
N VAL A 43 0.94 -19.74 0.98
CA VAL A 43 0.32 -18.43 1.15
C VAL A 43 1.33 -17.33 0.72
N LEU A 44 2.60 -17.53 1.09
CA LEU A 44 3.68 -16.56 0.80
C LEU A 44 3.85 -16.39 -0.67
N GLU A 45 3.94 -17.52 -1.37
CA GLU A 45 4.16 -17.53 -2.82
C GLU A 45 3.01 -16.96 -3.65
N TYR A 46 1.78 -17.23 -3.26
CA TYR A 46 0.68 -16.67 -3.97
C TYR A 46 0.54 -15.16 -3.64
N ASN A 47 0.82 -14.72 -2.42
CA ASN A 47 0.41 -13.34 -1.99
C ASN A 47 1.46 -12.25 -1.80
N ALA A 48 2.73 -12.64 -1.55
CA ALA A 48 3.84 -11.70 -1.56
C ALA A 48 4.57 -11.53 -2.92
N ILE A 49 4.20 -12.30 -3.93
CA ILE A 49 4.93 -12.30 -5.21
C ILE A 49 4.05 -11.78 -6.33
N GLY A 50 4.61 -11.00 -7.25
CA GLY A 50 3.87 -10.64 -8.44
C GLY A 50 3.50 -9.17 -8.49
N GLY A 51 3.86 -8.42 -7.43
CA GLY A 51 3.64 -6.96 -7.42
C GLY A 51 4.88 -6.24 -7.93
N LYS A 52 4.91 -4.92 -7.81
CA LYS A 52 6.08 -4.10 -8.25
C LYS A 52 7.22 -4.03 -7.21
N TYR A 53 6.93 -4.38 -5.96
CA TYR A 53 7.88 -4.24 -4.83
C TYR A 53 8.35 -2.82 -4.50
N ASN A 54 7.57 -1.80 -4.85
CA ASN A 54 7.96 -0.42 -4.57
C ASN A 54 8.27 -0.23 -3.09
N ARG A 55 7.38 -0.73 -2.24
CA ARG A 55 7.46 -0.36 -0.81
C ARG A 55 8.69 -1.01 -0.17
N GLY A 56 8.91 -2.31 -0.40
CA GLY A 56 10.10 -2.98 0.15
C GLY A 56 11.36 -2.50 -0.51
N LEU A 57 11.32 -2.25 -1.81
CA LEU A 57 12.51 -1.71 -2.49
C LEU A 57 12.86 -0.37 -1.87
N THR A 58 11.85 0.42 -1.53
CA THR A 58 12.14 1.69 -0.89
C THR A 58 13.05 1.49 0.36
N VAL A 59 12.78 0.46 1.18
CA VAL A 59 13.61 0.24 2.37
C VAL A 59 15.06 0.06 1.92
N VAL A 60 15.29 -0.76 0.91
CA VAL A 60 16.63 -1.11 0.47
C VAL A 60 17.37 0.07 -0.21
N VAL A 61 16.69 0.75 -1.12
CA VAL A 61 17.23 1.95 -1.77
C VAL A 61 17.66 3.01 -0.74
N ALA A 62 16.77 3.30 0.23
CA ALA A 62 17.03 4.41 1.17
C ALA A 62 18.10 4.04 2.20
N PHE A 63 18.25 2.73 2.44
CA PHE A 63 19.32 2.17 3.26
C PHE A 63 20.69 2.38 2.57
N ARG A 64 20.82 2.02 1.31
CA ARG A 64 22.03 2.36 0.60
C ARG A 64 22.32 3.87 0.69
N GLU A 65 21.32 4.69 0.40
CA GLU A 65 21.53 6.13 0.35
C GLU A 65 21.81 6.80 1.69
N LEU A 66 21.49 6.14 2.79
CA LEU A 66 21.59 6.80 4.11
C LEU A 66 22.71 6.24 4.98
N VAL A 67 23.06 4.97 4.78
CA VAL A 67 24.13 4.32 5.53
C VAL A 67 25.43 4.53 4.76
N GLU A 68 26.49 4.79 5.51
CA GLU A 68 27.80 5.03 4.93
C GLU A 68 28.35 3.73 4.36
N PRO A 69 28.85 3.74 3.10
CA PRO A 69 29.24 2.48 2.40
C PRO A 69 30.22 1.56 3.19
N ARG A 70 31.00 2.14 4.10
CA ARG A 70 31.88 1.38 5.02
C ARG A 70 31.06 0.53 5.98
N LYS A 71 29.77 0.85 6.10
CA LYS A 71 28.86 0.19 7.01
C LYS A 71 27.79 -0.56 6.24
N GLN A 72 28.01 -0.72 4.93
CA GLN A 72 27.14 -1.60 4.14
C GLN A 72 27.73 -3.01 4.02
N ASP A 73 28.08 -3.61 5.17
CA ASP A 73 28.60 -4.97 5.17
C ASP A 73 27.52 -5.95 4.74
N ALA A 74 27.95 -7.04 4.10
CA ALA A 74 27.11 -8.13 3.59
C ALA A 74 25.95 -8.50 4.52
N ASP A 75 26.24 -8.53 5.82
CA ASP A 75 25.26 -8.77 6.85
C ASP A 75 24.22 -7.68 7.09
N SER A 76 24.61 -6.41 7.04
CA SER A 76 23.66 -5.33 7.31
C SER A 76 22.85 -5.09 6.05
N LEU A 77 23.37 -5.56 4.92
CA LEU A 77 22.63 -5.55 3.69
C LEU A 77 21.55 -6.63 3.75
N GLN A 78 21.92 -7.81 4.23
CA GLN A 78 20.98 -8.87 4.35
C GLN A 78 19.82 -8.44 5.27
N ARG A 79 20.14 -7.75 6.35
CA ARG A 79 19.13 -7.22 7.21
C ARG A 79 18.22 -6.25 6.43
N ALA A 80 18.82 -5.32 5.68
CA ALA A 80 18.07 -4.38 4.86
C ALA A 80 17.03 -5.02 3.92
N TRP A 81 17.41 -6.08 3.20
CA TRP A 81 16.40 -6.63 2.30
C TRP A 81 15.40 -7.53 2.98
N THR A 82 15.70 -7.92 4.22
CA THR A 82 14.71 -8.57 5.10
C THR A 82 13.65 -7.56 5.62
N VAL A 83 14.10 -6.40 6.12
CA VAL A 83 13.15 -5.39 6.57
C VAL A 83 12.28 -4.98 5.39
N GLY A 84 12.89 -4.91 4.21
CA GLY A 84 12.14 -4.65 2.99
C GLY A 84 11.02 -5.65 2.80
N TRP A 85 11.36 -6.92 2.95
CA TRP A 85 10.40 -7.97 2.78
C TRP A 85 9.33 -7.94 3.84
N CYS A 86 9.69 -7.56 5.08
CA CYS A 86 8.67 -7.32 6.10
C CYS A 86 7.60 -6.30 5.67
N VAL A 87 8.00 -5.26 4.93
CA VAL A 87 7.01 -4.30 4.44
C VAL A 87 6.15 -5.02 3.39
N GLU A 88 6.76 -5.88 2.55
CA GLU A 88 5.96 -6.60 1.53
C GLU A 88 4.96 -7.58 2.16
N LEU A 89 5.35 -8.16 3.28
CA LEU A 89 4.47 -8.99 4.07
C LEU A 89 3.34 -8.20 4.79
N LEU A 90 3.59 -6.97 5.26
CA LEU A 90 2.50 -6.15 5.81
C LEU A 90 1.47 -5.92 4.71
N GLN A 91 1.96 -5.49 3.55
CA GLN A 91 1.16 -5.27 2.34
C GLN A 91 0.30 -6.50 2.04
N ALA A 92 0.94 -7.68 1.97
CA ALA A 92 0.26 -8.93 1.61
C ALA A 92 -0.86 -9.20 2.59
N PHE A 93 -0.60 -9.03 3.87
CA PHE A 93 -1.61 -9.19 4.94
C PHE A 93 -2.86 -8.28 4.74
N PHE A 94 -2.64 -7.00 4.46
CA PHE A 94 -3.76 -6.04 4.25
C PHE A 94 -4.54 -6.30 2.98
N LEU A 95 -3.87 -6.70 1.91
CA LEU A 95 -4.55 -6.95 0.63
C LEU A 95 -5.41 -8.19 0.67
N VAL A 96 -4.87 -9.26 1.26
CA VAL A 96 -5.66 -10.47 1.32
C VAL A 96 -6.99 -10.14 2.05
N ALA A 97 -6.93 -9.63 3.28
CA ALA A 97 -8.17 -9.19 4.02
C ALA A 97 -9.01 -8.20 3.23
N ASP A 98 -8.36 -7.21 2.63
CA ASP A 98 -9.05 -6.13 1.87
C ASP A 98 -9.88 -6.66 0.70
N ASP A 99 -9.29 -7.63 -0.02
CA ASP A 99 -10.00 -8.31 -1.13
C ASP A 99 -11.28 -9.03 -0.66
N ILE A 100 -11.24 -9.67 0.49
CA ILE A 100 -12.51 -10.14 1.07
C ILE A 100 -13.51 -9.00 1.35
N MET A 101 -13.10 -8.00 2.14
CA MET A 101 -13.99 -6.90 2.50
C MET A 101 -14.48 -6.11 1.26
N ASP A 102 -13.66 -5.99 0.22
CA ASP A 102 -14.07 -5.34 -1.03
C ASP A 102 -14.81 -6.22 -2.02
N SER A 103 -14.93 -7.52 -1.70
CA SER A 103 -15.53 -8.48 -2.64
C SER A 103 -14.82 -8.43 -3.98
N SER A 104 -13.52 -8.25 -3.99
CA SER A 104 -12.84 -8.14 -5.27
C SER A 104 -12.65 -9.48 -6.03
N LEU A 105 -12.30 -9.39 -7.32
CA LEU A 105 -12.22 -10.55 -8.20
C LEU A 105 -10.77 -10.95 -8.52
N THR A 106 -9.91 -9.97 -8.78
CA THR A 106 -8.49 -10.25 -9.10
C THR A 106 -7.56 -9.29 -8.39
N ARG A 107 -6.32 -9.70 -8.32
CA ARG A 107 -5.26 -8.92 -7.74
C ARG A 107 -3.98 -9.38 -8.46
N ARG A 108 -3.25 -8.43 -9.07
CA ARG A 108 -1.90 -8.71 -9.58
C ARG A 108 -1.93 -9.78 -10.69
N GLY A 109 -3.01 -9.83 -11.47
CA GLY A 109 -3.10 -10.70 -12.63
C GLY A 109 -3.76 -12.04 -12.37
N GLN A 110 -4.00 -12.40 -11.10
CA GLN A 110 -4.64 -13.69 -10.79
C GLN A 110 -5.91 -13.51 -9.99
N ILE A 111 -6.70 -14.57 -9.82
CA ILE A 111 -7.88 -14.48 -8.96
C ILE A 111 -7.39 -14.17 -7.53
N CYS A 112 -8.19 -13.40 -6.75
CA CYS A 112 -7.87 -13.19 -5.32
C CYS A 112 -7.81 -14.54 -4.58
N TRP A 113 -6.85 -14.62 -3.66
CA TRP A 113 -6.68 -15.77 -2.77
C TRP A 113 -7.98 -16.38 -2.29
N TYR A 114 -8.88 -15.55 -1.70
CA TYR A 114 -10.10 -16.04 -1.08
C TYR A 114 -11.04 -16.62 -2.12
N GLN A 115 -10.90 -16.16 -3.36
CA GLN A 115 -11.74 -16.65 -4.47
C GLN A 115 -11.28 -17.98 -5.07
N LYS A 116 -10.08 -18.46 -4.72
CA LYS A 116 -9.59 -19.76 -5.13
C LYS A 116 -10.37 -20.88 -4.54
N PRO A 117 -10.80 -21.83 -5.40
CA PRO A 117 -11.40 -23.11 -4.98
C PRO A 117 -10.65 -23.71 -3.79
N GLY A 118 -11.41 -24.05 -2.74
CA GLY A 118 -10.84 -24.62 -1.54
C GLY A 118 -10.17 -23.62 -0.59
N VAL A 119 -10.13 -22.33 -0.93
CA VAL A 119 -9.64 -21.34 0.03
C VAL A 119 -10.74 -20.65 0.89
N GLY A 120 -11.54 -19.78 0.27
CA GLY A 120 -12.68 -19.05 0.88
C GLY A 120 -12.19 -18.28 2.07
N LEU A 121 -12.96 -18.32 3.16
CA LEU A 121 -12.72 -17.55 4.36
C LEU A 121 -11.61 -18.08 5.28
N ASP A 122 -11.06 -19.24 4.99
CA ASP A 122 -9.77 -19.65 5.59
C ASP A 122 -8.67 -18.62 5.36
N ALA A 123 -8.81 -17.86 4.27
CA ALA A 123 -7.91 -16.71 3.96
C ALA A 123 -7.78 -15.74 5.11
N ILE A 124 -8.78 -15.68 5.99
CA ILE A 124 -8.65 -14.81 7.16
C ILE A 124 -7.43 -15.25 8.02
N ASN A 125 -7.40 -16.50 8.45
CA ASN A 125 -6.21 -16.98 9.16
C ASN A 125 -4.89 -16.95 8.38
N ASP A 126 -4.94 -17.27 7.08
CA ASP A 126 -3.77 -17.03 6.19
C ASP A 126 -3.23 -15.57 6.28
N ALA A 127 -4.12 -14.54 6.19
CA ALA A 127 -3.70 -13.12 6.39
C ALA A 127 -3.02 -12.86 7.76
N ASN A 128 -3.64 -13.33 8.83
CA ASN A 128 -3.06 -13.21 10.18
C ASN A 128 -1.68 -13.89 10.29
N LEU A 129 -1.47 -15.02 9.55
CA LEU A 129 -0.16 -15.69 9.55
C LEU A 129 0.90 -14.86 8.82
N LEU A 130 0.50 -14.21 7.73
CA LEU A 130 1.43 -13.35 7.03
C LEU A 130 1.89 -12.20 7.90
N GLU A 131 1.04 -11.73 8.81
CA GLU A 131 1.37 -10.61 9.71
C GLU A 131 2.35 -11.14 10.72
N ALA A 132 2.03 -12.28 11.33
CA ALA A 132 3.00 -12.99 12.23
C ALA A 132 4.40 -13.12 11.69
N CYS A 133 4.58 -13.37 10.39
CA CYS A 133 5.95 -13.58 9.83
C CYS A 133 6.91 -12.41 9.98
N ILE A 134 6.37 -11.20 9.76
CA ILE A 134 7.09 -9.95 10.00
C ILE A 134 7.85 -10.00 11.31
N TYR A 135 7.18 -10.28 12.42
CA TYR A 135 7.86 -10.19 13.73
C TYR A 135 8.82 -11.35 13.94
N ARG A 136 8.51 -12.51 13.33
CA ARG A 136 9.46 -13.64 13.35
C ARG A 136 10.75 -13.25 12.63
N LEU A 137 10.60 -12.56 11.49
CA LEU A 137 11.76 -12.10 10.75
C LEU A 137 12.56 -11.10 11.52
N LEU A 138 11.87 -10.10 12.06
CA LEU A 138 12.55 -9.06 12.78
C LEU A 138 13.39 -9.78 13.84
N LYS A 139 12.80 -10.72 14.58
CA LYS A 139 13.56 -11.40 15.65
C LYS A 139 14.77 -12.19 15.08
N LEU A 140 14.55 -12.89 13.95
CA LEU A 140 15.59 -13.76 13.41
C LEU A 140 16.80 -13.02 12.93
N TYR A 141 16.58 -11.82 12.36
CA TYR A 141 17.64 -11.05 11.69
C TYR A 141 18.11 -9.88 12.47
N CYS A 142 17.24 -9.30 13.30
CA CYS A 142 17.53 -7.99 13.88
C CYS A 142 17.52 -7.96 15.40
N ARG A 143 17.29 -9.11 16.05
CA ARG A 143 17.14 -9.17 17.53
C ARG A 143 18.28 -8.48 18.30
N GLU A 144 19.51 -8.56 17.81
CA GLU A 144 20.59 -7.95 18.57
C GLU A 144 21.00 -6.54 18.09
N GLN A 145 20.20 -5.94 17.20
CA GLN A 145 20.52 -4.62 16.68
C GLN A 145 19.96 -3.54 17.60
N PRO A 146 20.63 -2.38 17.70
CA PRO A 146 20.10 -1.37 18.63
C PRO A 146 18.72 -0.77 18.19
N TYR A 147 18.38 -0.87 16.90
CA TYR A 147 17.10 -0.38 16.36
C TYR A 147 15.90 -1.39 16.45
N TYR A 148 16.15 -2.60 16.98
CA TYR A 148 15.15 -3.67 17.07
C TYR A 148 13.74 -3.26 17.60
N LEU A 149 13.69 -2.71 18.78
CA LEU A 149 12.45 -2.23 19.39
C LEU A 149 11.81 -1.03 18.64
N ASN A 150 12.64 -0.13 18.08
CA ASN A 150 12.12 0.91 17.19
C ASN A 150 11.40 0.26 15.99
N LEU A 151 11.99 -0.80 15.42
CA LEU A 151 11.40 -1.46 14.25
C LEU A 151 10.08 -2.16 14.61
N ILE A 152 10.07 -2.84 15.76
CA ILE A 152 8.84 -3.53 16.20
C ILE A 152 7.72 -2.50 16.39
N GLU A 153 8.01 -1.41 17.11
CA GLU A 153 6.97 -0.40 17.44
C GLU A 153 6.47 0.30 16.20
N LEU A 154 7.37 0.49 15.24
CA LEU A 154 6.99 1.07 13.94
C LEU A 154 6.03 0.23 13.09
N PHE A 155 6.25 -1.08 13.01
CA PHE A 155 5.39 -1.97 12.26
C PHE A 155 4.03 -2.11 12.95
N LEU A 156 4.04 -2.17 14.27
CA LEU A 156 2.78 -2.29 15.03
C LEU A 156 1.98 -0.97 14.93
N GLN A 157 2.67 0.17 15.10
CA GLN A 157 1.98 1.48 15.09
C GLN A 157 1.41 1.74 13.67
N SER A 158 2.23 1.42 12.67
CA SER A 158 1.78 1.49 11.29
C SER A 158 0.58 0.58 10.97
N SER A 159 0.42 -0.57 11.63
CA SER A 159 -0.72 -1.46 11.33
C SER A 159 -1.96 -0.99 12.00
N TYR A 160 -1.84 -0.51 13.23
CA TYR A 160 -2.98 0.13 13.93
C TYR A 160 -3.52 1.37 13.13
N GLN A 161 -2.64 2.23 12.66
CA GLN A 161 -3.10 3.41 11.91
C GLN A 161 -3.84 2.91 10.68
N THR A 162 -3.31 1.85 10.04
CA THR A 162 -3.92 1.45 8.76
C THR A 162 -5.25 0.76 8.99
N GLU A 163 -5.40 0.05 10.13
CA GLU A 163 -6.71 -0.51 10.51
C GLU A 163 -7.73 0.59 10.91
N ILE A 164 -7.24 1.65 11.54
CA ILE A 164 -8.12 2.82 11.85
C ILE A 164 -8.61 3.35 10.50
N GLY A 165 -7.71 3.51 9.53
CA GLY A 165 -8.10 4.03 8.18
C GLY A 165 -9.03 3.10 7.44
N GLN A 166 -8.80 1.77 7.59
CA GLN A 166 -9.74 0.81 7.04
C GLN A 166 -11.20 0.90 7.63
N THR A 167 -11.30 1.02 8.97
CA THR A 167 -12.58 1.25 9.64
C THR A 167 -13.31 2.47 9.01
N LEU A 168 -12.57 3.52 8.74
CA LEU A 168 -13.12 4.72 8.13
C LEU A 168 -13.59 4.46 6.72
N ASP A 169 -12.74 3.76 5.97
CA ASP A 169 -13.08 3.31 4.63
C ASP A 169 -14.41 2.53 4.67
N LEU A 170 -14.55 1.60 5.60
CA LEU A 170 -15.75 0.75 5.67
C LEU A 170 -17.01 1.48 6.24
N LEU A 171 -16.85 2.24 7.32
CA LEU A 171 -17.93 3.02 7.90
C LEU A 171 -18.53 4.02 6.92
N THR A 172 -17.69 4.59 6.08
CA THR A 172 -18.11 5.54 5.08
C THR A 172 -18.77 4.92 3.84
N ALA A 173 -18.80 3.59 3.79
CA ALA A 173 -19.30 2.83 2.63
C ALA A 173 -20.23 1.67 3.09
N PRO A 174 -21.29 2.00 3.83
CA PRO A 174 -22.19 0.86 4.15
C PRO A 174 -22.93 0.38 2.88
N GLN A 175 -22.93 -0.94 2.67
CA GLN A 175 -23.47 -1.52 1.46
C GLN A 175 -24.99 -1.42 1.49
N GLY A 176 -25.59 -1.14 0.35
CA GLY A 176 -27.06 -0.93 0.30
C GLY A 176 -27.58 0.36 0.91
N ASN A 177 -26.68 1.30 1.19
CA ASN A 177 -27.04 2.50 1.96
C ASN A 177 -26.43 3.73 1.28
N VAL A 178 -27.07 4.21 0.21
CA VAL A 178 -26.57 5.39 -0.52
C VAL A 178 -26.83 6.62 0.30
N ASP A 179 -25.76 7.20 0.81
CA ASP A 179 -25.88 8.55 1.31
C ASP A 179 -24.69 9.37 0.86
N LEU A 180 -24.95 10.15 -0.17
CA LEU A 180 -23.93 10.97 -0.82
C LEU A 180 -23.45 12.10 0.07
N VAL A 181 -24.21 12.43 1.11
CA VAL A 181 -23.85 13.51 2.03
C VAL A 181 -22.51 13.25 2.73
N ARG A 182 -22.15 11.99 2.97
CA ARG A 182 -20.91 11.74 3.75
C ARG A 182 -19.60 11.76 2.99
N PHE A 183 -19.68 11.75 1.66
CA PHE A 183 -18.52 11.73 0.79
C PHE A 183 -18.03 13.16 0.62
N THR A 184 -17.28 13.71 1.59
CA THR A 184 -16.67 15.08 1.51
C THR A 184 -15.15 15.04 1.28
N GLU A 185 -14.55 16.18 0.96
CA GLU A 185 -13.09 16.32 0.92
C GLU A 185 -12.40 16.01 2.26
N LYS A 186 -12.95 16.50 3.36
CA LYS A 186 -12.30 16.29 4.67
C LYS A 186 -12.30 14.82 5.10
N ARG A 187 -13.46 14.18 4.99
CA ARG A 187 -13.61 12.71 5.18
C ARG A 187 -12.60 11.94 4.29
N TYR A 188 -12.57 12.29 3.01
CA TYR A 188 -11.71 11.64 2.06
C TYR A 188 -10.27 11.67 2.51
N LYS A 189 -9.81 12.84 3.00
CA LYS A 189 -8.38 13.02 3.23
C LYS A 189 -7.98 12.23 4.44
N SER A 190 -8.90 12.12 5.38
CA SER A 190 -8.72 11.37 6.57
C SER A 190 -8.58 9.86 6.26
N ILE A 191 -9.40 9.36 5.37
CA ILE A 191 -9.38 7.93 5.04
C ILE A 191 -8.02 7.59 4.49
N VAL A 192 -7.58 8.40 3.50
CA VAL A 192 -6.40 8.02 2.72
C VAL A 192 -5.12 8.20 3.54
N LYS A 193 -5.09 9.24 4.37
CA LYS A 193 -3.98 9.41 5.30
C LYS A 193 -3.69 8.15 6.14
N TYR A 194 -4.74 7.55 6.70
CA TYR A 194 -4.64 6.37 7.57
C TYR A 194 -4.50 5.06 6.86
N LYS A 195 -5.35 4.82 5.86
CA LYS A 195 -5.40 3.53 5.18
C LYS A 195 -4.23 3.20 4.28
N THR A 196 -3.61 4.24 3.69
CA THR A 196 -2.53 4.10 2.72
C THR A 196 -1.21 4.81 3.00
N ALA A 197 -1.29 6.05 3.50
CA ALA A 197 -0.10 6.90 3.55
C ALA A 197 0.94 6.47 4.58
N PHE A 198 0.56 6.12 5.80
CA PHE A 198 1.57 5.71 6.77
C PHE A 198 2.29 4.43 6.37
N TYR A 199 1.56 3.40 5.94
CA TYR A 199 2.32 2.14 5.60
C TYR A 199 2.95 2.16 4.21
N SER A 200 2.44 2.94 3.27
CA SER A 200 3.06 2.85 1.96
C SER A 200 4.24 3.77 1.78
N PHE A 201 4.34 4.77 2.64
CA PHE A 201 5.27 5.85 2.41
C PHE A 201 6.05 6.19 3.68
N TYR A 202 5.39 6.48 4.80
CA TYR A 202 6.18 6.69 6.03
C TYR A 202 6.95 5.40 6.50
N LEU A 203 6.22 4.28 6.65
CA LEU A 203 6.79 3.00 7.15
C LEU A 203 8.18 2.64 6.54
N PRO A 204 8.31 2.53 5.19
CA PRO A 204 9.58 2.10 4.61
C PRO A 204 10.79 3.03 4.75
N ILE A 205 10.59 4.34 4.57
CA ILE A 205 11.72 5.28 4.71
C ILE A 205 12.10 5.30 6.17
N ALA A 206 11.10 5.25 7.06
CA ALA A 206 11.38 5.35 8.49
C ALA A 206 12.10 4.12 9.00
N ALA A 207 11.77 2.95 8.45
CA ALA A 207 12.48 1.70 8.87
C ALA A 207 13.95 1.91 8.57
N ALA A 208 14.23 2.41 7.35
CA ALA A 208 15.58 2.69 6.88
C ALA A 208 16.27 3.79 7.70
N MET A 209 15.56 4.85 8.06
CA MET A 209 16.09 5.83 9.01
C MET A 209 16.56 5.13 10.28
N TYR A 210 15.66 4.39 10.95
CA TYR A 210 16.05 3.72 12.22
C TYR A 210 17.23 2.75 12.05
N MET A 211 17.32 2.06 10.93
CA MET A 211 18.50 1.22 10.60
C MET A 211 19.82 2.04 10.42
N ALA A 212 19.73 3.25 9.92
CA ALA A 212 20.92 4.11 9.78
C ALA A 212 21.23 4.92 11.06
N GLY A 213 20.51 4.67 12.14
CA GLY A 213 20.80 5.40 13.39
C GLY A 213 20.07 6.75 13.49
N ILE A 214 19.36 7.13 12.43
CA ILE A 214 18.63 8.39 12.44
C ILE A 214 17.30 8.21 13.15
N ASP A 215 17.29 8.42 14.45
CA ASP A 215 16.07 8.18 15.20
C ASP A 215 15.42 9.40 15.83
N GLY A 216 15.91 10.61 15.52
CA GLY A 216 15.37 11.85 16.13
C GLY A 216 13.90 12.07 15.80
N GLU A 217 13.15 12.49 16.78
CA GLU A 217 11.76 12.95 16.61
C GLU A 217 11.58 13.91 15.41
N LYS A 218 12.37 14.97 15.39
CA LYS A 218 12.21 16.11 14.48
C LYS A 218 12.47 15.73 13.01
N GLU A 219 13.52 14.94 12.78
CA GLU A 219 13.80 14.39 11.47
C GLU A 219 12.70 13.40 10.98
N HIS A 220 12.18 12.58 11.89
CA HIS A 220 11.05 11.69 11.57
C HIS A 220 9.81 12.44 11.17
N ALA A 221 9.51 13.56 11.87
CA ALA A 221 8.36 14.44 11.54
C ALA A 221 8.54 15.13 10.18
N ASN A 222 9.72 15.67 9.93
CA ASN A 222 9.99 16.30 8.63
C ASN A 222 9.80 15.32 7.43
N ALA A 223 10.36 14.11 7.56
CA ALA A 223 10.18 13.03 6.56
C ALA A 223 8.70 12.68 6.36
N LYS A 224 8.00 12.42 7.47
CA LYS A 224 6.53 12.29 7.51
C LYS A 224 5.77 13.41 6.75
N LYS A 225 6.26 14.63 6.82
CA LYS A 225 5.50 15.72 6.14
C LYS A 225 5.49 15.49 4.63
N ILE A 226 6.66 15.18 4.08
CA ILE A 226 6.76 14.83 2.67
C ILE A 226 5.94 13.56 2.41
N LEU A 227 6.32 12.44 3.07
CA LEU A 227 5.71 11.14 2.73
C LEU A 227 4.14 11.04 2.81
N LEU A 228 3.50 11.72 3.77
CA LEU A 228 2.02 11.66 3.86
C LEU A 228 1.32 12.34 2.68
N GLU A 229 1.90 13.42 2.17
CA GLU A 229 1.29 14.06 0.97
C GLU A 229 1.46 13.20 -0.28
N MET A 230 2.62 12.58 -0.42
CA MET A 230 2.85 11.56 -1.45
C MET A 230 1.84 10.41 -1.32
N GLY A 231 1.56 9.92 -0.11
CA GLY A 231 0.60 8.82 0.07
C GLY A 231 -0.80 9.21 -0.37
N GLU A 232 -1.20 10.44 -0.01
CA GLU A 232 -2.49 11.01 -0.44
C GLU A 232 -2.57 10.99 -1.96
N PHE A 233 -1.62 11.62 -2.65
CA PHE A 233 -1.63 11.55 -4.12
C PHE A 233 -1.75 10.09 -4.60
N PHE A 234 -0.96 9.19 -3.98
CA PHE A 234 -0.87 7.82 -4.44
C PHE A 234 -2.20 7.16 -4.32
N GLN A 235 -2.91 7.38 -3.22
CA GLN A 235 -4.28 6.82 -3.13
C GLN A 235 -5.32 7.41 -4.10
N ILE A 236 -5.11 8.67 -4.52
CA ILE A 236 -6.02 9.39 -5.44
C ILE A 236 -5.78 8.80 -6.79
N GLN A 237 -4.52 8.65 -7.14
CA GLN A 237 -4.15 7.78 -8.27
C GLN A 237 -4.81 6.36 -8.31
N ASP A 238 -4.77 5.60 -7.21
CA ASP A 238 -5.40 4.23 -7.11
C ASP A 238 -6.91 4.30 -7.34
N ASP A 239 -7.57 5.28 -6.73
CA ASP A 239 -8.97 5.55 -7.05
C ASP A 239 -9.25 5.79 -8.54
N TYR A 240 -8.42 6.60 -9.19
CA TYR A 240 -8.61 6.85 -10.61
C TYR A 240 -8.43 5.58 -11.46
N LEU A 241 -7.48 4.76 -11.09
CA LEU A 241 -7.20 3.57 -11.85
C LEU A 241 -8.25 2.53 -11.64
N ASP A 242 -9.04 2.63 -10.58
CA ASP A 242 -10.10 1.61 -10.30
C ASP A 242 -11.13 1.62 -11.42
N LEU A 243 -11.40 2.81 -11.94
CA LEU A 243 -12.39 3.00 -13.00
C LEU A 243 -11.76 3.12 -14.39
N PHE A 244 -10.68 3.91 -14.54
CA PHE A 244 -10.15 4.21 -15.87
C PHE A 244 -8.83 3.56 -16.19
N GLY A 245 -8.25 2.76 -15.30
CA GLY A 245 -6.97 2.15 -15.62
C GLY A 245 -7.34 0.95 -16.45
N ASP A 246 -6.38 0.35 -17.12
CA ASP A 246 -6.67 -0.84 -17.89
C ASP A 246 -6.24 -2.00 -17.00
N PRO A 247 -7.20 -2.89 -16.66
CA PRO A 247 -7.01 -3.99 -15.73
C PRO A 247 -6.00 -5.07 -16.19
N SER A 248 -5.48 -4.97 -17.39
CA SER A 248 -4.38 -5.83 -17.77
C SER A 248 -3.04 -5.17 -17.40
N VAL A 249 -3.08 -3.87 -17.09
CA VAL A 249 -1.92 -3.20 -16.53
C VAL A 249 -1.99 -3.24 -15.00
N THR A 250 -3.14 -2.79 -14.43
CA THR A 250 -3.33 -2.76 -12.96
C THR A 250 -3.32 -4.18 -12.34
N GLY A 251 -3.80 -5.17 -13.08
CA GLY A 251 -3.89 -6.52 -12.58
C GLY A 251 -5.12 -6.72 -11.72
N LYS A 252 -6.03 -5.76 -11.70
CA LYS A 252 -7.25 -5.91 -10.87
C LYS A 252 -8.48 -5.24 -11.48
N ILE A 253 -9.61 -5.90 -11.35
CA ILE A 253 -10.93 -5.32 -11.68
C ILE A 253 -11.47 -4.39 -10.60
N GLY A 254 -12.09 -3.28 -11.01
CA GLY A 254 -12.53 -2.22 -10.10
C GLY A 254 -13.87 -2.52 -9.44
N THR A 255 -14.08 -1.98 -8.23
CA THR A 255 -15.29 -2.30 -7.45
C THR A 255 -15.89 -1.11 -6.71
N ASP A 256 -15.32 0.07 -6.90
CA ASP A 256 -15.51 1.19 -5.99
C ASP A 256 -16.96 1.68 -6.05
N ILE A 257 -17.51 1.75 -7.25
CA ILE A 257 -18.89 2.18 -7.46
C ILE A 257 -19.85 1.17 -6.85
N GLN A 258 -19.61 -0.13 -7.12
CA GLN A 258 -20.46 -1.20 -6.58
C GLN A 258 -20.35 -1.27 -5.06
N ASP A 259 -19.15 -1.13 -4.50
CA ASP A 259 -18.97 -1.15 -3.02
C ASP A 259 -19.39 0.17 -2.31
N ASN A 260 -20.00 1.13 -3.02
CA ASN A 260 -20.46 2.38 -2.36
C ASN A 260 -19.31 3.21 -1.73
N LYS A 261 -18.17 3.34 -2.42
CA LYS A 261 -16.94 3.90 -1.81
C LYS A 261 -16.77 5.44 -1.89
N CYS A 262 -16.25 6.02 -0.80
CA CYS A 262 -15.78 7.38 -0.79
C CYS A 262 -14.49 7.53 -1.59
N SER A 263 -14.61 7.26 -2.89
CA SER A 263 -13.57 7.49 -3.85
C SER A 263 -13.33 9.01 -4.10
N TRP A 264 -12.12 9.33 -4.56
CA TRP A 264 -11.78 10.68 -5.00
C TRP A 264 -12.69 11.11 -6.11
N LEU A 265 -12.93 10.21 -7.04
CA LEU A 265 -13.83 10.46 -8.17
C LEU A 265 -15.24 10.93 -7.75
N VAL A 266 -15.86 10.24 -6.81
CA VAL A 266 -17.20 10.64 -6.39
C VAL A 266 -17.22 12.00 -5.64
N VAL A 267 -16.10 12.34 -4.97
CA VAL A 267 -15.96 13.63 -4.28
C VAL A 267 -15.86 14.78 -5.31
N GLN A 268 -14.95 14.65 -6.25
CA GLN A 268 -14.85 15.56 -7.39
C GLN A 268 -16.19 15.68 -8.18
N CYS A 269 -16.85 14.54 -8.45
CA CYS A 269 -18.19 14.51 -9.07
C CYS A 269 -19.15 15.42 -8.31
N LEU A 270 -19.35 15.13 -7.02
CA LEU A 270 -20.30 15.82 -6.15
C LEU A 270 -20.06 17.31 -6.09
N GLN A 271 -18.84 17.73 -6.41
CA GLN A 271 -18.46 19.11 -6.25
C GLN A 271 -18.79 19.90 -7.51
N ARG A 272 -19.11 19.20 -8.59
CA ARG A 272 -19.33 19.81 -9.87
C ARG A 272 -20.73 19.56 -10.43
N ALA A 273 -21.53 18.77 -9.71
CA ALA A 273 -22.74 18.20 -10.33
C ALA A 273 -23.93 19.14 -10.31
N THR A 274 -24.67 19.19 -11.43
CA THR A 274 -25.94 19.93 -11.43
C THR A 274 -26.89 19.14 -10.54
N PRO A 275 -27.90 19.79 -9.94
CA PRO A 275 -28.71 18.91 -9.08
C PRO A 275 -29.45 17.79 -9.85
N GLU A 276 -29.48 17.87 -11.18
CA GLU A 276 -30.02 16.80 -12.04
C GLU A 276 -29.00 15.67 -12.11
N GLN A 277 -27.73 16.04 -12.26
CA GLN A 277 -26.63 15.08 -12.25
C GLN A 277 -26.56 14.38 -10.89
N TYR A 278 -26.63 15.16 -9.82
CA TYR A 278 -26.72 14.62 -8.48
C TYR A 278 -27.68 13.42 -8.36
N GLN A 279 -28.88 13.55 -8.89
CA GLN A 279 -29.91 12.54 -8.72
C GLN A 279 -29.57 11.29 -9.54
N ILE A 280 -28.91 11.47 -10.68
CA ILE A 280 -28.51 10.36 -11.52
C ILE A 280 -27.46 9.54 -10.74
N LEU A 281 -26.49 10.24 -10.14
CA LEU A 281 -25.53 9.64 -9.24
C LEU A 281 -26.27 8.86 -8.16
N LYS A 282 -27.14 9.55 -7.44
CA LYS A 282 -27.94 8.97 -6.35
C LYS A 282 -28.63 7.61 -6.71
N GLU A 283 -29.27 7.58 -7.89
CA GLU A 283 -30.07 6.44 -8.32
C GLU A 283 -29.18 5.27 -8.72
N ASN A 284 -27.96 5.57 -9.13
CA ASN A 284 -27.17 4.56 -9.82
C ASN A 284 -25.93 4.05 -9.06
N TYR A 285 -25.64 4.64 -7.90
CA TYR A 285 -24.37 4.46 -7.19
C TYR A 285 -24.49 3.34 -6.16
N GLY A 286 -23.37 2.62 -5.95
CA GLY A 286 -23.34 1.60 -4.88
C GLY A 286 -24.24 0.40 -5.16
N GLN A 287 -24.30 -0.03 -6.39
CA GLN A 287 -25.18 -1.12 -6.77
C GLN A 287 -24.50 -2.00 -7.80
N LYS A 288 -24.83 -3.28 -7.76
CA LYS A 288 -24.11 -4.29 -8.50
C LYS A 288 -24.41 -4.32 -10.01
N GLU A 289 -25.44 -3.60 -10.46
CA GLU A 289 -25.86 -3.70 -11.89
C GLU A 289 -24.95 -2.95 -12.88
N ALA A 290 -24.41 -3.67 -13.88
CA ALA A 290 -23.46 -3.09 -14.86
C ALA A 290 -23.96 -1.82 -15.56
N GLU A 291 -25.18 -1.87 -16.09
CA GLU A 291 -25.90 -0.68 -16.59
C GLU A 291 -25.76 0.56 -15.69
N LYS A 292 -25.92 0.33 -14.39
CA LYS A 292 -25.93 1.39 -13.37
C LYS A 292 -24.53 1.93 -13.08
N VAL A 293 -23.53 1.03 -13.08
CA VAL A 293 -22.12 1.44 -12.99
C VAL A 293 -21.75 2.28 -14.23
N ALA A 294 -22.16 1.78 -15.41
CA ALA A 294 -21.90 2.49 -16.67
C ALA A 294 -22.57 3.88 -16.73
N ARG A 295 -23.69 4.03 -16.04
CA ARG A 295 -24.31 5.34 -15.95
C ARG A 295 -23.47 6.31 -15.11
N VAL A 296 -22.95 5.85 -13.96
CA VAL A 296 -22.00 6.66 -13.18
C VAL A 296 -20.70 6.99 -13.98
N LYS A 297 -20.04 5.98 -14.54
CA LYS A 297 -18.88 6.20 -15.40
C LYS A 297 -19.13 7.27 -16.45
N ALA A 298 -20.34 7.31 -16.99
CA ALA A 298 -20.67 8.23 -18.08
C ALA A 298 -20.88 9.66 -17.53
N LEU A 299 -21.49 9.76 -16.37
CA LEU A 299 -21.52 11.02 -15.67
C LEU A 299 -20.10 11.60 -15.41
N TYR A 300 -19.19 10.74 -14.94
CA TYR A 300 -17.80 11.14 -14.68
C TYR A 300 -17.08 11.66 -15.94
N GLU A 301 -17.27 10.98 -17.06
CA GLU A 301 -16.71 11.43 -18.34
C GLU A 301 -17.40 12.69 -18.85
N GLU A 302 -18.71 12.81 -18.64
CA GLU A 302 -19.41 14.04 -18.97
C GLU A 302 -18.86 15.23 -18.18
N LEU A 303 -18.27 14.99 -17.01
CA LEU A 303 -17.76 16.11 -16.20
C LEU A 303 -16.27 16.25 -16.26
N ASP A 304 -15.63 15.63 -17.26
CA ASP A 304 -14.19 15.76 -17.49
C ASP A 304 -13.33 15.33 -16.28
N LEU A 305 -13.81 14.34 -15.53
CA LEU A 305 -13.03 13.88 -14.39
C LEU A 305 -11.66 13.34 -14.79
N PRO A 306 -11.53 12.66 -15.97
CA PRO A 306 -10.17 12.31 -16.46
C PRO A 306 -9.24 13.54 -16.62
N ALA A 307 -9.68 14.59 -17.33
CA ALA A 307 -8.93 15.85 -17.42
C ALA A 307 -8.60 16.47 -16.04
N VAL A 308 -9.55 16.44 -15.12
CA VAL A 308 -9.28 16.97 -13.77
C VAL A 308 -8.25 16.12 -13.02
N PHE A 309 -8.32 14.80 -13.17
CA PHE A 309 -7.28 13.98 -12.59
C PHE A 309 -5.88 14.33 -13.10
N LEU A 310 -5.70 14.43 -14.42
CA LEU A 310 -4.41 14.88 -14.96
C LEU A 310 -3.94 16.29 -14.48
N GLN A 311 -4.84 17.26 -14.36
CA GLN A 311 -4.45 18.57 -13.74
C GLN A 311 -3.97 18.45 -12.29
N TYR A 312 -4.72 17.67 -11.48
CA TYR A 312 -4.35 17.40 -10.07
C TYR A 312 -3.01 16.68 -9.95
N GLU A 313 -2.75 15.73 -10.86
CA GLU A 313 -1.50 15.00 -10.81
C GLU A 313 -0.34 15.99 -10.91
N GLU A 314 -0.43 16.94 -11.85
CA GLU A 314 0.64 17.94 -12.05
C GLU A 314 0.81 18.85 -10.84
N ASP A 315 -0.28 19.48 -10.37
CA ASP A 315 -0.18 20.38 -9.22
C ASP A 315 0.32 19.67 -7.94
N SER A 316 -0.18 18.47 -7.70
CA SER A 316 0.27 17.63 -6.58
C SER A 316 1.76 17.36 -6.66
N TYR A 317 2.23 17.03 -7.86
CA TYR A 317 3.67 16.79 -8.08
C TYR A 317 4.54 18.05 -7.78
N SER A 318 4.15 19.22 -8.30
CA SER A 318 4.87 20.48 -8.00
C SER A 318 4.93 20.79 -6.51
N HIS A 319 3.79 20.58 -5.85
CA HIS A 319 3.69 20.71 -4.40
C HIS A 319 4.58 19.71 -3.65
N ILE A 320 4.55 18.44 -4.02
CA ILE A 320 5.44 17.46 -3.37
C ILE A 320 6.91 17.92 -3.48
N MET A 321 7.33 18.24 -4.71
CA MET A 321 8.67 18.84 -4.97
C MET A 321 9.00 20.06 -4.09
N ALA A 322 8.04 20.98 -3.93
CA ALA A 322 8.24 22.14 -3.01
C ALA A 322 8.49 21.64 -1.59
N LEU A 323 7.72 20.62 -1.21
CA LEU A 323 7.86 20.03 0.13
C LEU A 323 9.23 19.41 0.37
N ILE A 324 9.77 18.76 -0.65
CA ILE A 324 11.12 18.21 -0.60
C ILE A 324 12.20 19.30 -0.40
N GLU A 325 12.13 20.35 -1.21
CA GLU A 325 12.99 21.50 -1.04
C GLU A 325 12.88 22.02 0.37
N GLN A 326 11.69 22.09 0.97
CA GLN A 326 11.63 22.56 2.39
C GLN A 326 12.13 21.58 3.46
N TYR A 327 11.86 20.29 3.30
CA TYR A 327 11.91 19.38 4.44
C TYR A 327 12.92 18.27 4.33
N ALA A 328 13.51 18.08 3.16
CA ALA A 328 14.43 16.96 3.00
C ALA A 328 15.72 16.98 3.87
N ALA A 329 16.26 18.16 4.13
CA ALA A 329 17.56 18.25 4.84
C ALA A 329 17.47 17.74 6.28
N PRO A 330 18.52 17.06 6.79
CA PRO A 330 19.84 16.72 6.26
C PRO A 330 19.90 15.41 5.45
N LEU A 331 18.75 14.83 5.14
CA LEU A 331 18.69 13.60 4.33
C LEU A 331 18.92 13.95 2.85
N PRO A 332 19.54 13.03 2.08
CA PRO A 332 19.73 13.33 0.68
C PRO A 332 18.40 13.37 -0.01
N PRO A 333 18.12 14.43 -0.81
CA PRO A 333 16.89 14.50 -1.57
C PRO A 333 16.67 13.29 -2.50
N ALA A 334 17.75 12.64 -2.94
CA ALA A 334 17.62 11.47 -3.81
C ALA A 334 16.61 10.45 -3.25
N VAL A 335 16.63 10.24 -1.94
CA VAL A 335 15.67 9.40 -1.22
C VAL A 335 14.23 9.81 -1.48
N PHE A 336 13.88 11.09 -1.47
CA PHE A 336 12.48 11.44 -1.80
C PHE A 336 12.21 11.45 -3.30
N LEU A 337 13.21 11.90 -4.04
CA LEU A 337 13.10 12.07 -5.50
C LEU A 337 12.96 10.72 -6.20
N GLY A 338 13.69 9.72 -5.69
CA GLY A 338 13.72 8.41 -6.32
C GLY A 338 12.35 7.77 -6.16
N LEU A 339 11.69 8.03 -5.03
CA LEU A 339 10.39 7.41 -4.76
C LEU A 339 9.29 8.11 -5.57
N ALA A 340 9.28 9.44 -5.55
CA ALA A 340 8.42 10.23 -6.44
C ALA A 340 8.51 9.89 -7.95
N ARG A 341 9.72 9.68 -8.47
CA ARG A 341 9.85 9.20 -9.86
C ARG A 341 9.10 7.88 -10.13
N LYS A 342 9.20 6.93 -9.21
CA LYS A 342 8.59 5.61 -9.38
C LYS A 342 7.05 5.64 -9.35
N ILE A 343 6.46 6.65 -8.69
CA ILE A 343 4.98 6.76 -8.61
C ILE A 343 4.36 7.83 -9.54
N TYR A 344 5.19 8.71 -10.11
CA TYR A 344 4.71 9.77 -11.02
C TYR A 344 4.26 9.25 -12.36
N LYS A 345 2.96 9.37 -12.63
CA LYS A 345 2.34 8.86 -13.86
C LYS A 345 2.50 7.34 -13.99
N ARG A 346 2.28 6.61 -12.90
CA ARG A 346 2.17 5.15 -12.99
C ARG A 346 0.80 4.80 -13.59
N ARG A 347 0.76 3.69 -14.32
CA ARG A 347 -0.50 3.12 -14.80
C ARG A 347 -0.76 1.78 -14.13
N LYS A 348 0.16 1.37 -13.25
CA LYS A 348 -0.05 0.27 -12.29
C LYS A 348 0.78 0.45 -11.00
#